data_7V8U
#
_entry.id   7V8U
#
_cell.length_a   145.134
_cell.length_b   145.134
_cell.length_c   145.134
_cell.angle_alpha   90.000
_cell.angle_beta   90.000
_cell.angle_gamma   90.000
#
_symmetry.space_group_name_H-M   'P 41 3 2'
#
loop_
_entity.id
_entity.type
_entity.pdbx_description
1 polymer Esterase
2 non-polymer 'SULFATE ION'
3 non-polymer NITROBENZENE
4 water water
#
_entity_poly.entity_id   1
_entity_poly.type   'polypeptide(L)'
_entity_poly.pdbx_seq_one_letter_code
;MGNAVVVKKDFRIDLENELFIRGEVTLVEDQIKKPVLVISHGFRGYKDWGFWPYVAAWFAERGFYVVHFDFSRVGALNSG
ADEASVQKLSTVSRELSDLDAILSNLREHRLPLAEQAETERISLLGHSRAGGSNIIFAAEHSYIGSVIAWNGGPPPKAAA
GNPNPFINDDVEHNKQRFDTARLLASLTAPVLIIQGGKDREALLEGQQLLKEAAPNQTYISIPDADHSFGGEHPFHHTTP
YLEEALEVTHSFITKHYLEHHHHHH
;
_entity_poly.pdbx_strand_id   A
#
loop_
_chem_comp.id
_chem_comp.type
_chem_comp.name
_chem_comp.formula
NBZ non-polymer NITROBENZENE 'C6 H5 N O2'
SO4 non-polymer 'SULFATE ION' 'O4 S -2'
#
# COMPACT_ATOMS: atom_id res chain seq x y z
N ALA A 4 -26.22 2.03 -8.30
CA ALA A 4 -24.77 1.90 -8.17
C ALA A 4 -24.37 1.30 -6.82
N VAL A 5 -24.38 -0.03 -6.79
CA VAL A 5 -24.05 -0.79 -5.60
C VAL A 5 -22.56 -1.07 -5.60
N VAL A 6 -21.91 -0.82 -4.47
CA VAL A 6 -20.54 -1.22 -4.25
C VAL A 6 -20.56 -2.67 -3.80
N VAL A 7 -20.06 -3.58 -4.63
CA VAL A 7 -20.00 -4.98 -4.19
C VAL A 7 -18.63 -5.20 -3.55
N LYS A 8 -18.59 -6.11 -2.57
CA LYS A 8 -17.36 -6.48 -1.89
C LYS A 8 -17.24 -7.99 -1.92
N LYS A 9 -16.24 -8.49 -2.64
CA LYS A 9 -16.06 -9.91 -2.91
C LYS A 9 -14.84 -10.42 -2.17
N ASP A 10 -15.06 -11.30 -1.22
CA ASP A 10 -14.02 -11.89 -0.40
C ASP A 10 -13.23 -12.88 -1.24
N PHE A 11 -11.97 -13.05 -0.91
CA PHE A 11 -11.19 -14.12 -1.51
C PHE A 11 -10.11 -14.53 -0.54
N ARG A 12 -9.48 -15.64 -0.85
CA ARG A 12 -8.39 -16.16 -0.04
C ARG A 12 -7.39 -16.79 -0.98
N ILE A 13 -6.13 -16.40 -0.84
CA ILE A 13 -5.04 -16.98 -1.61
C ILE A 13 -4.26 -17.89 -0.69
N ASP A 14 -4.20 -19.18 -1.02
CA ASP A 14 -3.44 -20.15 -0.25
C ASP A 14 -1.99 -20.15 -0.70
N LEU A 15 -1.08 -19.96 0.26
CA LEU A 15 0.34 -19.92 0.02
C LEU A 15 0.96 -21.22 0.53
N GLU A 16 2.24 -21.18 0.90
CA GLU A 16 2.92 -22.38 1.36
C GLU A 16 2.38 -22.85 2.71
N ASN A 17 2.35 -24.18 2.89
CA ASN A 17 1.91 -24.78 4.15
C ASN A 17 0.58 -24.25 4.64
N GLU A 18 0.58 -23.81 5.88
CA GLU A 18 -0.63 -23.26 6.47
C GLU A 18 -0.92 -21.77 6.20
N LEU A 19 -0.05 -21.06 5.50
CA LEU A 19 -0.18 -19.62 5.30
C LEU A 19 -1.18 -19.20 4.21
N PHE A 20 -1.72 -17.98 4.35
CA PHE A 20 -2.72 -17.53 3.40
C PHE A 20 -2.85 -16.01 3.46
N ILE A 21 -3.47 -15.47 2.41
CA ILE A 21 -3.80 -14.06 2.32
C ILE A 21 -5.30 -13.98 2.14
N ARG A 22 -5.98 -13.26 3.03
CA ARG A 22 -7.40 -12.96 2.89
C ARG A 22 -7.56 -11.57 2.31
N GLY A 23 -8.46 -11.43 1.36
CA GLY A 23 -8.55 -10.16 0.70
C GLY A 23 -9.95 -9.84 0.25
N GLU A 24 -10.11 -8.68 -0.34
CA GLU A 24 -11.43 -8.32 -0.83
C GLU A 24 -11.29 -7.46 -2.08
N VAL A 25 -12.16 -7.70 -3.05
CA VAL A 25 -12.28 -6.86 -4.23
C VAL A 25 -13.49 -5.97 -4.02
N THR A 26 -13.32 -4.68 -4.25
CA THR A 26 -14.39 -3.71 -4.09
C THR A 26 -14.59 -3.02 -5.41
N LEU A 27 -15.84 -2.95 -5.88
CA LEU A 27 -16.08 -2.57 -7.26
C LEU A 27 -17.53 -2.17 -7.41
N VAL A 28 -17.80 -1.17 -8.23
CA VAL A 28 -19.15 -0.95 -8.75
C VAL A 28 -19.20 -1.61 -10.11
N GLU A 29 -20.05 -2.62 -10.25
CA GLU A 29 -20.06 -3.43 -11.47
C GLU A 29 -20.71 -2.65 -12.61
N ASP A 30 -19.90 -2.20 -13.56
CA ASP A 30 -20.38 -1.46 -14.70
C ASP A 30 -20.09 -2.20 -16.01
N GLN A 31 -19.71 -3.48 -15.93
CA GLN A 31 -19.57 -4.32 -17.13
C GLN A 31 -18.49 -3.78 -18.06
N ILE A 32 -17.45 -3.17 -17.48
CA ILE A 32 -16.35 -2.59 -18.24
C ILE A 32 -15.09 -2.68 -17.38
N LYS A 33 -13.92 -2.69 -18.02
CA LYS A 33 -12.68 -2.83 -17.28
C LYS A 33 -12.34 -1.53 -16.56
N LYS A 34 -12.00 -1.63 -15.29
CA LYS A 34 -11.71 -0.40 -14.56
C LYS A 34 -10.27 -0.41 -14.05
N PRO A 35 -9.63 0.74 -14.00
CA PRO A 35 -8.28 0.80 -13.46
C PRO A 35 -8.22 0.23 -12.05
N VAL A 36 -7.08 -0.38 -11.75
CA VAL A 36 -6.88 -1.18 -10.55
C VAL A 36 -6.12 -0.35 -9.52
N LEU A 37 -6.61 -0.35 -8.28
CA LEU A 37 -5.87 0.18 -7.13
C LEU A 37 -5.68 -0.96 -6.13
N VAL A 38 -4.42 -1.27 -5.80
CA VAL A 38 -4.07 -2.28 -4.80
C VAL A 38 -3.58 -1.55 -3.57
N ILE A 39 -4.19 -1.85 -2.42
CA ILE A 39 -3.94 -1.16 -1.17
C ILE A 39 -3.17 -2.08 -0.24
N SER A 40 -2.13 -1.54 0.39
CA SER A 40 -1.33 -2.25 1.39
C SER A 40 -1.42 -1.53 2.74
N HIS A 41 -1.79 -2.25 3.80
CA HIS A 41 -1.92 -1.64 5.11
C HIS A 41 -0.56 -1.54 5.81
N GLY A 42 -0.52 -0.72 6.87
CA GLY A 42 0.69 -0.50 7.61
C GLY A 42 1.02 -1.64 8.55
N PHE A 43 2.06 -1.43 9.34
CA PHE A 43 2.63 -2.53 10.13
C PHE A 43 1.65 -3.05 11.17
N ARG A 44 0.85 -2.18 11.78
CA ARG A 44 -0.12 -2.60 12.77
C ARG A 44 -1.51 -2.81 12.20
N GLY A 45 -1.68 -2.67 10.89
CA GLY A 45 -2.99 -2.71 10.28
C GLY A 45 -3.44 -4.10 9.90
N TYR A 46 -4.58 -4.14 9.22
CA TYR A 46 -5.19 -5.34 8.66
C TYR A 46 -6.26 -4.79 7.76
N LYS A 47 -6.85 -5.63 6.91
CA LYS A 47 -7.69 -5.09 5.86
C LYS A 47 -8.94 -4.41 6.40
N ASP A 48 -9.41 -4.79 7.59
CA ASP A 48 -10.61 -4.19 8.14
C ASP A 48 -10.29 -3.09 9.14
N TRP A 49 -9.03 -2.70 9.25
CA TRP A 49 -8.63 -1.70 10.24
C TRP A 49 -9.08 -0.29 9.83
N GLY A 50 -9.60 0.46 10.80
CA GLY A 50 -9.78 1.89 10.67
C GLY A 50 -10.43 2.36 9.38
N PHE A 51 -9.73 3.19 8.63
CA PHE A 51 -10.33 3.76 7.43
C PHE A 51 -10.27 2.89 6.18
N TRP A 52 -9.67 1.70 6.23
CA TRP A 52 -9.47 0.97 4.98
C TRP A 52 -10.77 0.58 4.29
N PRO A 53 -11.76 -0.01 4.97
CA PRO A 53 -13.03 -0.30 4.27
C PRO A 53 -13.63 0.94 3.63
N TYR A 54 -13.60 2.07 4.33
CA TYR A 54 -14.13 3.29 3.74
C TYR A 54 -13.32 3.69 2.50
N VAL A 55 -12.00 3.61 2.60
CA VAL A 55 -11.14 4.04 1.50
C VAL A 55 -11.37 3.18 0.26
N ALA A 56 -11.42 1.87 0.44
CA ALA A 56 -11.67 0.96 -0.68
C ALA A 56 -13.00 1.28 -1.36
N ALA A 57 -14.06 1.49 -0.57
CA ALA A 57 -15.36 1.84 -1.13
C ALA A 57 -15.33 3.21 -1.79
N TRP A 58 -14.58 4.16 -1.20
CA TRP A 58 -14.46 5.50 -1.77
C TRP A 58 -13.88 5.45 -3.19
N PHE A 59 -12.80 4.70 -3.39
CA PHE A 59 -12.22 4.58 -4.74
C PHE A 59 -13.11 3.73 -5.66
N ALA A 60 -13.82 2.74 -5.13
CA ALA A 60 -14.72 1.97 -5.98
C ALA A 60 -15.88 2.84 -6.49
N GLU A 61 -16.40 3.72 -5.63
CA GLU A 61 -17.44 4.65 -6.08
C GLU A 61 -16.91 5.62 -7.12
N ARG A 62 -15.60 5.80 -7.20
CA ARG A 62 -15.03 6.77 -8.13
C ARG A 62 -14.28 6.10 -9.26
N GLY A 63 -14.65 4.86 -9.60
CA GLY A 63 -14.25 4.27 -10.88
C GLY A 63 -13.12 3.26 -10.87
N PHE A 64 -12.69 2.78 -9.69
CA PHE A 64 -11.60 1.83 -9.61
C PHE A 64 -12.09 0.43 -9.27
N TYR A 65 -11.31 -0.56 -9.71
CA TYR A 65 -11.35 -1.93 -9.22
C TYR A 65 -10.33 -2.00 -8.10
N VAL A 66 -10.80 -2.19 -6.85
CA VAL A 66 -9.95 -2.01 -5.68
C VAL A 66 -9.67 -3.37 -5.05
N VAL A 67 -8.42 -3.60 -4.69
CA VAL A 67 -8.00 -4.79 -3.96
C VAL A 67 -7.37 -4.33 -2.66
N HIS A 68 -7.85 -4.84 -1.54
CA HIS A 68 -7.09 -4.71 -0.30
C HIS A 68 -7.12 -6.07 0.40
N PHE A 69 -6.18 -6.27 1.32
CA PHE A 69 -5.90 -7.62 1.78
C PHE A 69 -5.10 -7.59 3.07
N ASP A 70 -5.14 -8.70 3.80
CA ASP A 70 -4.28 -8.94 4.96
C ASP A 70 -2.95 -9.52 4.52
N PHE A 71 -1.85 -8.92 4.96
CA PHE A 71 -0.56 -9.57 4.79
C PHE A 71 -0.55 -10.93 5.49
N SER A 72 0.32 -11.82 4.99
CA SER A 72 0.41 -13.20 5.49
C SER A 72 0.54 -13.25 7.00
N ARG A 73 1.32 -12.33 7.57
CA ARG A 73 1.56 -12.29 9.00
C ARG A 73 0.28 -12.09 9.81
N VAL A 74 -0.76 -11.49 9.21
CA VAL A 74 -1.99 -11.28 9.95
C VAL A 74 -2.73 -12.60 10.12
N GLY A 75 -2.86 -13.37 9.03
CA GLY A 75 -3.50 -14.67 9.14
C GLY A 75 -2.73 -15.60 10.06
N ALA A 76 -1.40 -15.55 10.00
CA ALA A 76 -0.59 -16.39 10.88
C ALA A 76 -0.88 -16.11 12.35
N LEU A 77 -0.77 -14.85 12.75
CA LEU A 77 -1.12 -14.43 14.10
C LEU A 77 -2.50 -14.94 14.50
N ASN A 78 -3.52 -14.65 13.67
CA ASN A 78 -4.88 -15.10 13.96
C ASN A 78 -5.01 -16.60 14.02
N SER A 79 -4.12 -17.35 13.38
CA SER A 79 -4.17 -18.79 13.34
C SER A 79 -3.39 -19.44 14.47
N GLY A 80 -2.86 -18.64 15.39
CA GLY A 80 -2.13 -19.19 16.52
C GLY A 80 -0.68 -19.54 16.26
N ALA A 81 -0.10 -19.08 15.15
CA ALA A 81 1.32 -19.31 14.92
C ALA A 81 2.14 -18.72 16.07
N ASP A 82 3.30 -19.34 16.33
CA ASP A 82 4.15 -18.89 17.41
C ASP A 82 4.90 -17.62 17.00
N GLU A 83 5.69 -17.08 17.95
CA GLU A 83 6.26 -15.75 17.76
C GLU A 83 7.35 -15.74 16.69
N ALA A 84 8.16 -16.80 16.61
CA ALA A 84 9.18 -16.85 15.57
C ALA A 84 8.56 -16.89 14.18
N SER A 85 7.47 -17.64 14.01
CA SER A 85 6.79 -17.67 12.72
C SER A 85 6.26 -16.29 12.36
N VAL A 86 5.55 -15.64 13.28
CA VAL A 86 4.98 -14.33 12.98
C VAL A 86 6.08 -13.32 12.68
N GLN A 87 7.19 -13.39 13.42
CA GLN A 87 8.30 -12.47 13.18
C GLN A 87 8.91 -12.65 11.80
N LYS A 88 9.05 -13.89 11.35
CA LYS A 88 9.63 -14.13 10.03
C LYS A 88 8.75 -13.53 8.94
N LEU A 89 7.43 -13.63 9.10
CA LEU A 89 6.49 -13.10 8.14
C LEU A 89 6.35 -11.59 8.19
N SER A 90 7.10 -10.90 9.05
CA SER A 90 6.92 -9.48 9.28
C SER A 90 8.00 -8.63 8.62
N THR A 91 8.84 -9.25 7.79
CA THR A 91 9.87 -8.50 7.10
C THR A 91 9.27 -7.73 5.92
N VAL A 92 9.99 -6.71 5.48
CA VAL A 92 9.69 -6.09 4.19
C VAL A 92 9.77 -7.11 3.06
N SER A 93 10.74 -8.03 3.13
CA SER A 93 10.85 -9.04 2.08
C SER A 93 9.59 -9.87 1.95
N ARG A 94 8.98 -10.24 3.07
CA ARG A 94 7.74 -10.99 2.98
C ARG A 94 6.61 -10.13 2.42
N GLU A 95 6.57 -8.84 2.77
CA GLU A 95 5.58 -7.95 2.17
C GLU A 95 5.70 -7.97 0.64
N LEU A 96 6.94 -7.87 0.13
CA LEU A 96 7.14 -7.91 -1.31
C LEU A 96 6.61 -9.19 -1.91
N SER A 97 6.84 -10.30 -1.23
CA SER A 97 6.39 -11.59 -1.73
C SER A 97 4.87 -11.71 -1.67
N ASP A 98 4.27 -11.21 -0.58
CA ASP A 98 2.81 -11.25 -0.49
C ASP A 98 2.17 -10.37 -1.57
N LEU A 99 2.74 -9.20 -1.82
CA LEU A 99 2.27 -8.35 -2.91
C LEU A 99 2.39 -9.06 -4.26
N ASP A 100 3.47 -9.81 -4.45
CA ASP A 100 3.62 -10.57 -5.68
C ASP A 100 2.50 -11.60 -5.83
N ALA A 101 2.10 -12.25 -4.74
CA ALA A 101 1.01 -13.20 -4.83
C ALA A 101 -0.30 -12.51 -5.17
N ILE A 102 -0.52 -11.34 -4.58
CA ILE A 102 -1.74 -10.60 -4.91
C ILE A 102 -1.73 -10.19 -6.38
N LEU A 103 -0.62 -9.60 -6.85
CA LEU A 103 -0.57 -9.10 -8.22
C LEU A 103 -0.61 -10.26 -9.23
N SER A 104 0.10 -11.35 -8.96
CA SER A 104 0.04 -12.51 -9.86
C SER A 104 -1.38 -13.04 -9.99
N ASN A 105 -2.07 -13.21 -8.86
CA ASN A 105 -3.45 -13.69 -8.94
C ASN A 105 -4.36 -12.70 -9.65
N LEU A 106 -4.08 -11.40 -9.50
CA LEU A 106 -4.82 -10.43 -10.28
C LEU A 106 -4.55 -10.58 -11.77
N ARG A 107 -3.26 -10.65 -12.14
CA ARG A 107 -2.88 -10.69 -13.56
C ARG A 107 -3.28 -12.00 -14.22
N GLU A 108 -3.44 -13.08 -13.45
CA GLU A 108 -3.92 -14.35 -13.99
C GLU A 108 -5.42 -14.46 -13.89
N HIS A 109 -6.11 -13.36 -13.59
CA HIS A 109 -7.57 -13.34 -13.53
C HIS A 109 -8.12 -14.37 -12.57
N ARG A 110 -7.45 -14.59 -11.44
CA ARG A 110 -8.00 -15.46 -10.42
C ARG A 110 -8.77 -14.72 -9.32
N LEU A 111 -8.69 -13.40 -9.25
CA LEU A 111 -9.45 -12.70 -8.23
C LEU A 111 -10.90 -12.52 -8.68
N PRO A 112 -11.82 -12.35 -7.73
CA PRO A 112 -13.22 -12.14 -8.11
C PRO A 112 -13.41 -10.98 -9.06
N LEU A 113 -14.33 -11.16 -10.01
CA LEU A 113 -14.71 -10.15 -10.99
C LEU A 113 -13.52 -9.62 -11.80
N ALA A 114 -12.49 -10.45 -12.00
CA ALA A 114 -11.27 -9.98 -12.65
C ALA A 114 -11.48 -9.58 -14.10
N GLU A 115 -12.56 -10.01 -14.74
CA GLU A 115 -12.85 -9.51 -16.07
C GLU A 115 -13.20 -8.03 -16.07
N GLN A 116 -13.40 -7.43 -14.90
CA GLN A 116 -13.65 -6.00 -14.84
C GLN A 116 -12.45 -5.23 -14.34
N ALA A 117 -11.28 -5.88 -14.25
CA ALA A 117 -10.05 -5.20 -13.87
C ALA A 117 -9.24 -4.87 -15.11
N GLU A 118 -8.85 -3.59 -15.21
CA GLU A 118 -7.97 -3.12 -16.28
C GLU A 118 -6.53 -3.23 -15.78
N THR A 119 -5.94 -4.41 -15.95
CA THR A 119 -4.58 -4.67 -15.46
C THR A 119 -3.49 -3.94 -16.25
N GLU A 120 -3.83 -3.28 -17.35
CA GLU A 120 -2.91 -2.33 -17.96
C GLU A 120 -2.72 -1.07 -17.11
N ARG A 121 -3.56 -0.84 -16.10
CA ARG A 121 -3.54 0.41 -15.36
C ARG A 121 -3.57 0.10 -13.85
N ILE A 122 -2.47 -0.39 -13.32
CA ILE A 122 -2.38 -0.73 -11.91
C ILE A 122 -1.66 0.39 -11.17
N SER A 123 -2.28 0.87 -10.09
CA SER A 123 -1.65 1.75 -9.12
C SER A 123 -1.57 1.07 -7.75
N LEU A 124 -0.55 1.41 -6.97
CA LEU A 124 -0.41 0.93 -5.61
C LEU A 124 -0.61 2.10 -4.63
N LEU A 125 -1.25 1.80 -3.50
CA LEU A 125 -1.40 2.74 -2.39
C LEU A 125 -0.93 2.02 -1.13
N GLY A 126 0.08 2.55 -0.48
CA GLY A 126 0.63 1.92 0.72
C GLY A 126 0.72 2.91 1.85
N HIS A 127 0.41 2.44 3.04
CA HIS A 127 0.36 3.29 4.23
C HIS A 127 1.56 2.99 5.12
N SER A 128 2.24 4.04 5.58
CA SER A 128 3.29 3.92 6.59
C SER A 128 4.39 3.02 6.03
N ARG A 129 4.75 1.98 6.76
CA ARG A 129 5.80 1.05 6.34
C ARG A 129 5.53 0.51 4.93
N ALA A 130 4.28 0.23 4.59
CA ALA A 130 3.95 -0.27 3.27
C ALA A 130 4.12 0.81 2.20
N GLY A 131 4.21 2.08 2.59
CA GLY A 131 4.57 3.09 1.62
C GLY A 131 5.95 2.84 1.03
N GLY A 132 6.92 2.49 1.88
CA GLY A 132 8.23 2.15 1.40
C GLY A 132 8.24 0.86 0.60
N SER A 133 7.58 -0.18 1.13
CA SER A 133 7.63 -1.43 0.41
C SER A 133 6.88 -1.33 -0.93
N ASN A 134 5.83 -0.51 -1.01
CA ASN A 134 5.15 -0.31 -2.29
C ASN A 134 6.06 0.40 -3.30
N ILE A 135 6.89 1.33 -2.83
CA ILE A 135 7.81 2.01 -3.73
C ILE A 135 8.84 1.03 -4.26
N ILE A 136 9.35 0.16 -3.40
CA ILE A 136 10.30 -0.86 -3.83
C ILE A 136 9.65 -1.79 -4.85
N PHE A 137 8.45 -2.27 -4.53
CA PHE A 137 7.74 -3.16 -5.44
C PHE A 137 7.51 -2.48 -6.79
N ALA A 138 7.02 -1.25 -6.77
CA ALA A 138 6.76 -0.52 -8.01
C ALA A 138 8.04 -0.37 -8.82
N ALA A 139 9.15 -0.06 -8.18
CA ALA A 139 10.38 0.17 -8.91
C ALA A 139 10.87 -1.10 -9.57
N GLU A 140 10.58 -2.26 -8.98
CA GLU A 140 11.05 -3.53 -9.50
C GLU A 140 10.07 -4.21 -10.45
N HIS A 141 8.92 -3.59 -10.75
CA HIS A 141 7.91 -4.25 -11.58
C HIS A 141 7.39 -3.25 -12.61
N SER A 142 7.74 -3.48 -13.89
CA SER A 142 7.34 -2.57 -14.96
C SER A 142 5.83 -2.45 -15.07
N TYR A 143 5.08 -3.46 -14.64
CA TYR A 143 3.63 -3.39 -14.81
C TYR A 143 2.93 -2.51 -13.78
N ILE A 144 3.65 -1.93 -12.83
CA ILE A 144 3.07 -0.95 -11.91
C ILE A 144 3.22 0.42 -12.54
N GLY A 145 2.10 1.11 -12.78
CA GLY A 145 2.12 2.39 -13.44
C GLY A 145 2.29 3.59 -12.54
N SER A 146 1.87 3.49 -11.27
CA SER A 146 2.05 4.59 -10.34
C SER A 146 1.90 4.08 -8.92
N VAL A 147 2.48 4.81 -7.98
CA VAL A 147 2.48 4.39 -6.59
C VAL A 147 2.27 5.62 -5.71
N ILE A 148 1.49 5.44 -4.65
CA ILE A 148 1.21 6.50 -3.68
C ILE A 148 1.54 5.97 -2.29
N ALA A 149 2.27 6.75 -1.50
CA ALA A 149 2.57 6.41 -0.12
C ALA A 149 1.89 7.42 0.80
N TRP A 150 1.19 6.92 1.82
CA TRP A 150 0.56 7.77 2.84
C TRP A 150 1.40 7.66 4.11
N ASN A 151 2.02 8.77 4.52
CA ASN A 151 2.77 8.81 5.77
C ASN A 151 3.83 7.71 5.82
N GLY A 152 4.49 7.49 4.68
CA GLY A 152 5.55 6.51 4.58
C GLY A 152 6.36 6.80 3.33
N GLY A 153 7.32 5.93 3.04
CA GLY A 153 8.22 6.18 1.94
C GLY A 153 9.69 5.98 2.22
N PRO A 154 10.19 6.47 3.35
CA PRO A 154 11.63 6.36 3.66
C PRO A 154 12.06 4.90 3.81
N PRO A 155 13.37 4.62 3.71
CA PRO A 155 13.81 3.23 3.61
C PRO A 155 13.51 2.44 4.86
N PRO A 156 13.24 1.14 4.73
CA PRO A 156 12.89 0.33 5.92
C PRO A 156 14.02 0.28 6.94
N LYS A 157 13.61 0.09 8.19
CA LYS A 157 14.51 -0.03 9.32
C LYS A 157 13.81 -0.92 10.35
N ALA A 158 14.45 -1.09 11.50
CA ALA A 158 13.90 -2.02 12.50
C ALA A 158 12.60 -1.49 13.10
N ALA A 159 11.62 -2.40 13.25
CA ALA A 159 10.29 -2.02 13.71
C ALA A 159 10.31 -1.57 15.17
N ALA A 160 9.19 -0.99 15.60
CA ALA A 160 9.04 -0.53 16.97
C ALA A 160 8.70 -1.70 17.89
N GLY A 161 9.13 -1.58 19.15
CA GLY A 161 8.84 -2.60 20.13
C GLY A 161 9.90 -3.70 20.21
N ASN A 162 9.44 -4.93 20.34
CA ASN A 162 10.35 -6.05 20.59
C ASN A 162 11.33 -6.23 19.43
N PRO A 163 12.56 -6.65 19.73
CA PRO A 163 13.51 -6.95 18.64
C PRO A 163 13.01 -8.11 17.78
N ASN A 164 12.94 -7.86 16.49
CA ASN A 164 12.66 -8.91 15.53
C ASN A 164 13.97 -9.20 14.79
N PRO A 165 14.62 -10.33 15.05
CA PRO A 165 15.91 -10.58 14.39
C PRO A 165 15.78 -10.76 12.88
N PHE A 166 14.69 -11.37 12.41
CA PHE A 166 14.48 -11.53 10.98
C PHE A 166 14.41 -10.17 10.28
N ILE A 167 13.74 -9.20 10.90
CA ILE A 167 13.73 -7.84 10.35
C ILE A 167 15.13 -7.26 10.34
N ASN A 168 15.91 -7.52 11.40
CA ASN A 168 17.28 -7.00 11.45
C ASN A 168 18.15 -7.59 10.33
N ASP A 169 18.01 -8.88 10.07
CA ASP A 169 18.74 -9.51 8.97
C ASP A 169 18.24 -9.01 7.60
N ASP A 170 16.92 -8.94 7.43
CA ASP A 170 16.34 -8.46 6.18
C ASP A 170 16.87 -7.09 5.82
N VAL A 171 16.85 -6.17 6.80
CA VAL A 171 17.32 -4.80 6.56
C VAL A 171 18.80 -4.79 6.23
N GLU A 172 19.59 -5.64 6.89
CA GLU A 172 21.03 -5.60 6.70
C GLU A 172 21.48 -6.22 5.37
N HIS A 173 20.79 -7.26 4.91
CA HIS A 173 21.15 -7.88 3.64
C HIS A 173 20.56 -7.17 2.44
N ASN A 174 19.81 -6.09 2.63
CA ASN A 174 19.09 -5.46 1.52
C ASN A 174 19.21 -3.95 1.55
N LYS A 175 20.40 -3.41 1.86
CA LYS A 175 20.53 -1.97 2.05
C LYS A 175 20.38 -1.22 0.75
N GLN A 176 20.99 -1.71 -0.32
CA GLN A 176 20.83 -1.07 -1.62
C GLN A 176 19.43 -1.34 -2.18
N ARG A 177 18.99 -2.60 -2.11
CA ARG A 177 17.70 -2.96 -2.70
C ARG A 177 16.55 -2.16 -2.07
N PHE A 178 16.61 -1.88 -0.78
CA PHE A 178 15.51 -1.21 -0.09
C PHE A 178 15.73 0.30 0.06
N ASP A 179 16.70 0.88 -0.64
CA ASP A 179 17.00 2.31 -0.51
C ASP A 179 16.04 3.11 -1.38
N THR A 180 14.95 3.59 -0.78
CA THR A 180 13.91 4.26 -1.57
C THR A 180 14.33 5.63 -2.08
N ALA A 181 15.30 6.28 -1.45
CA ALA A 181 15.79 7.54 -2.01
C ALA A 181 16.39 7.31 -3.41
N ARG A 182 17.30 6.34 -3.52
CA ARG A 182 17.86 5.99 -4.83
C ARG A 182 16.77 5.51 -5.79
N LEU A 183 15.85 4.68 -5.31
CA LEU A 183 14.80 4.17 -6.18
C LEU A 183 13.92 5.30 -6.70
N LEU A 184 13.54 6.25 -5.84
CA LEU A 184 12.68 7.33 -6.27
C LEU A 184 13.37 8.20 -7.30
N ALA A 185 14.67 8.42 -7.15
CA ALA A 185 15.42 9.27 -8.05
C ALA A 185 15.46 8.70 -9.46
N SER A 186 15.49 7.37 -9.60
CA SER A 186 15.61 6.79 -10.93
C SER A 186 14.29 6.26 -11.48
N LEU A 187 13.28 6.07 -10.63
CA LEU A 187 12.00 5.57 -11.12
C LEU A 187 11.37 6.61 -12.04
N THR A 188 11.00 6.21 -13.26
CA THR A 188 10.34 7.13 -14.17
C THR A 188 8.82 7.11 -14.06
N ALA A 189 8.26 6.17 -13.30
CA ALA A 189 6.83 6.20 -13.01
C ALA A 189 6.52 7.29 -11.99
N PRO A 190 5.33 7.89 -12.04
CA PRO A 190 4.98 8.93 -11.07
C PRO A 190 4.76 8.34 -9.68
N VAL A 191 5.39 8.98 -8.68
CA VAL A 191 5.23 8.62 -7.28
C VAL A 191 4.71 9.84 -6.53
N LEU A 192 3.71 9.61 -5.68
CA LEU A 192 3.16 10.63 -4.82
C LEU A 192 3.38 10.22 -3.37
N ILE A 193 3.91 11.13 -2.57
CA ILE A 193 4.05 10.92 -1.13
C ILE A 193 3.21 11.98 -0.43
N ILE A 194 2.21 11.56 0.32
CA ILE A 194 1.44 12.45 1.17
C ILE A 194 1.92 12.26 2.59
N GLN A 195 2.27 13.37 3.26
CA GLN A 195 2.76 13.29 4.64
C GLN A 195 2.02 14.28 5.52
N GLY A 196 1.46 13.78 6.62
CA GLY A 196 0.82 14.65 7.59
C GLY A 196 1.86 15.38 8.43
N GLY A 197 1.68 16.69 8.59
CA GLY A 197 2.65 17.52 9.28
C GLY A 197 2.75 17.28 10.77
N LYS A 198 1.72 16.69 11.38
CA LYS A 198 1.74 16.38 12.79
C LYS A 198 2.31 15.01 13.07
N ASP A 199 2.87 14.36 12.07
CA ASP A 199 3.40 13.03 12.31
C ASP A 199 4.69 13.15 13.11
N ARG A 200 5.20 11.98 13.48
CA ARG A 200 6.34 11.83 14.35
C ARG A 200 7.59 12.31 13.61
N GLU A 201 8.54 12.86 14.36
CA GLU A 201 9.48 13.80 13.76
C GLU A 201 10.70 13.13 13.10
N ALA A 202 11.07 11.92 13.52
CA ALA A 202 12.04 11.15 12.73
C ALA A 202 11.50 10.82 11.35
N LEU A 203 10.18 10.61 11.23
CA LEU A 203 9.59 10.32 9.93
C LEU A 203 9.61 11.56 9.04
N LEU A 204 9.27 12.73 9.59
CA LEU A 204 9.31 13.96 8.80
C LEU A 204 10.70 14.25 8.28
N GLU A 205 11.74 13.92 9.04
CA GLU A 205 13.11 14.11 8.57
C GLU A 205 13.45 13.14 7.46
N GLY A 206 13.10 11.86 7.62
CA GLY A 206 13.23 10.90 6.52
C GLY A 206 12.54 11.37 5.25
N GLN A 207 11.38 11.99 5.38
CA GLN A 207 10.65 12.46 4.20
C GLN A 207 11.36 13.63 3.53
N GLN A 208 12.05 14.47 4.30
CA GLN A 208 12.78 15.57 3.66
C GLN A 208 13.97 15.06 2.88
N LEU A 209 14.63 14.00 3.36
CA LEU A 209 15.72 13.39 2.61
C LEU A 209 15.22 12.83 1.28
N LEU A 210 14.05 12.18 1.26
CA LEU A 210 13.50 11.69 -0.01
C LEU A 210 13.28 12.82 -0.98
N LYS A 211 12.64 13.90 -0.53
CA LYS A 211 12.38 15.02 -1.43
C LYS A 211 13.67 15.62 -1.94
N GLU A 212 14.68 15.70 -1.08
CA GLU A 212 15.96 16.24 -1.53
C GLU A 212 16.61 15.28 -2.52
N ALA A 213 16.58 13.98 -2.21
CA ALA A 213 17.17 12.99 -3.10
C ALA A 213 16.43 12.89 -4.43
N ALA A 214 15.11 13.05 -4.45
CA ALA A 214 14.31 12.75 -5.64
C ALA A 214 13.29 13.84 -5.90
N PRO A 215 13.73 15.03 -6.29
CA PRO A 215 12.79 16.14 -6.53
C PRO A 215 11.93 15.96 -7.77
N ASN A 216 12.25 14.98 -8.62
CA ASN A 216 11.37 14.63 -9.74
C ASN A 216 9.96 14.18 -9.31
N GLN A 217 9.80 13.67 -8.11
CA GLN A 217 8.52 13.08 -7.72
C GLN A 217 7.61 14.13 -7.07
N THR A 218 6.46 13.71 -6.56
CA THR A 218 5.45 14.64 -6.06
C THR A 218 5.31 14.45 -4.55
N TYR A 219 5.45 15.54 -3.81
CA TYR A 219 5.43 15.52 -2.35
C TYR A 219 4.38 16.51 -1.87
N ILE A 220 3.39 16.04 -1.13
CA ILE A 220 2.27 16.85 -0.65
C ILE A 220 2.25 16.78 0.86
N SER A 221 2.12 17.94 1.50
CA SER A 221 2.02 18.03 2.95
C SER A 221 0.57 18.29 3.35
N ILE A 222 0.11 17.61 4.38
CA ILE A 222 -1.16 17.99 5.01
C ILE A 222 -0.79 18.44 6.42
N PRO A 223 -0.63 19.75 6.64
CA PRO A 223 0.10 20.21 7.84
C PRO A 223 -0.51 19.78 9.17
N ASP A 224 -1.83 19.73 9.30
CA ASP A 224 -2.45 19.40 10.59
C ASP A 224 -2.80 17.92 10.76
N ALA A 225 -2.42 17.06 9.82
CA ALA A 225 -2.79 15.65 9.87
C ALA A 225 -1.74 14.81 10.62
N ASP A 226 -2.21 13.77 11.31
CA ASP A 226 -1.37 12.81 12.01
C ASP A 226 -1.17 11.55 11.17
N HIS A 227 -0.51 10.55 11.76
CA HIS A 227 -0.11 9.32 11.05
C HIS A 227 -1.28 8.60 10.38
N SER A 228 -2.49 8.72 10.93
CA SER A 228 -3.63 8.04 10.36
C SER A 228 -4.62 8.99 9.72
N PHE A 229 -4.23 10.25 9.50
CA PHE A 229 -5.15 11.29 9.03
C PHE A 229 -6.42 11.35 9.89
N GLY A 230 -6.31 10.97 11.17
CA GLY A 230 -7.44 10.94 12.08
C GLY A 230 -8.38 9.76 11.90
N GLY A 231 -8.10 8.88 10.95
CA GLY A 231 -9.00 7.77 10.69
C GLY A 231 -8.62 6.49 11.41
N GLU A 232 -8.09 6.59 12.63
CA GLU A 232 -7.72 5.37 13.31
C GLU A 232 -8.97 4.65 13.86
N HIS A 233 -8.78 3.38 14.15
CA HIS A 233 -9.88 2.47 14.43
C HIS A 233 -10.54 2.80 15.78
N PRO A 234 -11.86 2.67 15.90
CA PRO A 234 -12.90 2.33 14.91
C PRO A 234 -13.33 3.54 14.11
N PHE A 235 -14.02 3.32 12.99
CA PHE A 235 -14.25 4.36 11.99
C PHE A 235 -15.73 4.69 11.93
N HIS A 236 -16.13 5.81 12.52
CA HIS A 236 -17.53 6.23 12.45
C HIS A 236 -17.80 7.16 11.28
N HIS A 237 -16.80 7.89 10.82
CA HIS A 237 -16.98 8.92 9.79
C HIS A 237 -15.60 9.31 9.27
N THR A 238 -15.61 9.97 8.12
CA THR A 238 -14.35 10.45 7.57
C THR A 238 -13.94 11.74 8.28
N THR A 239 -12.73 12.21 7.97
CA THR A 239 -12.16 13.42 8.54
C THR A 239 -11.74 14.33 7.40
N PRO A 240 -11.59 15.64 7.65
CA PRO A 240 -11.09 16.51 6.56
C PRO A 240 -9.72 16.12 6.05
N TYR A 241 -8.87 15.52 6.89
CA TYR A 241 -7.53 15.13 6.46
C TYR A 241 -7.57 13.88 5.58
N LEU A 242 -8.43 12.92 5.94
CA LEU A 242 -8.56 11.74 5.10
C LEU A 242 -9.21 12.09 3.76
N GLU A 243 -10.25 12.93 3.78
CA GLU A 243 -10.87 13.33 2.51
C GLU A 243 -9.88 14.05 1.62
N GLU A 244 -9.07 14.95 2.18
CA GLU A 244 -8.06 15.63 1.38
C GLU A 244 -7.03 14.64 0.83
N ALA A 245 -6.59 13.67 1.64
CA ALA A 245 -5.63 12.69 1.12
C ALA A 245 -6.25 11.88 -0.03
N LEU A 246 -7.52 11.51 0.10
CA LEU A 246 -8.22 10.75 -0.95
C LEU A 246 -8.34 11.56 -2.24
N GLU A 247 -8.90 12.75 -2.14
CA GLU A 247 -8.94 13.71 -3.23
C GLU A 247 -7.59 13.91 -3.92
N VAL A 248 -6.54 14.18 -3.14
CA VAL A 248 -5.24 14.42 -3.76
C VAL A 248 -4.73 13.14 -4.42
N THR A 249 -4.96 11.97 -3.79
CA THR A 249 -4.53 10.70 -4.41
C THR A 249 -5.30 10.44 -5.70
N HIS A 250 -6.62 10.61 -5.67
CA HIS A 250 -7.44 10.43 -6.86
C HIS A 250 -6.98 11.35 -7.98
N SER A 251 -6.83 12.64 -7.66
CA SER A 251 -6.40 13.61 -8.65
C SER A 251 -5.05 13.28 -9.23
N PHE A 252 -4.12 12.80 -8.40
CA PHE A 252 -2.80 12.44 -8.89
C PHE A 252 -2.88 11.27 -9.87
N ILE A 253 -3.73 10.27 -9.59
CA ILE A 253 -3.83 9.11 -10.49
C ILE A 253 -4.42 9.53 -11.83
N THR A 254 -5.55 10.25 -11.82
CA THR A 254 -6.20 10.61 -13.07
C THR A 254 -5.35 11.58 -13.88
N LYS A 255 -4.61 12.46 -13.20
CA LYS A 255 -3.70 13.39 -13.86
C LYS A 255 -2.63 12.66 -14.68
N HIS A 256 -2.38 11.40 -14.36
CA HIS A 256 -1.32 10.62 -14.99
C HIS A 256 -1.84 9.45 -15.80
N TYR A 257 -3.16 9.35 -16.03
CA TYR A 257 -3.65 8.29 -16.92
C TYR A 257 -3.24 8.50 -18.36
N LEU A 258 -3.36 9.70 -18.88
CA LEU A 258 -2.90 9.97 -20.23
C LEU A 258 -1.43 10.30 -20.22
N GLU A 259 -0.67 9.74 -21.18
CA GLU A 259 0.72 10.11 -21.33
C GLU A 259 0.78 11.51 -21.95
N HIS A 260 1.21 12.49 -21.16
CA HIS A 260 1.44 13.84 -21.67
C HIS A 260 2.94 14.13 -21.69
N HIS A 261 3.34 15.03 -22.59
CA HIS A 261 4.76 15.38 -22.68
C HIS A 261 4.96 16.89 -22.72
S SO4 B . 1.88 1.37 11.33
O1 SO4 B . 1.63 2.80 11.54
O2 SO4 B . 2.40 0.75 12.56
O3 SO4 B . 2.88 1.19 10.26
O4 SO4 B . 0.59 0.76 10.98
C1 NBZ C . 5.76 16.56 1.68
C2 NBZ C . 5.66 15.18 1.67
C3 NBZ C . 6.79 14.39 1.75
C4 NBZ C . 8.04 14.96 1.84
C5 NBZ C . 8.19 16.33 1.86
C6 NBZ C . 7.04 17.11 1.78
N1 NBZ C . 7.17 18.57 1.79
O1 NBZ C . 8.28 19.05 1.96
O2 NBZ C . 6.17 19.24 1.64
#